data_7NZK
#
_entry.id   7NZK
#
_cell.length_a   82.595
_cell.length_b   112.193
_cell.length_c   62.502
_cell.angle_alpha   90.000
_cell.angle_beta   90.000
_cell.angle_gamma   90.000
#
_symmetry.space_group_name_H-M   'C 2 2 21'
#
loop_
_entity.id
_entity.type
_entity.pdbx_description
1 polymer '14-3-3 protein sigma'
2 polymer 'Transcription factor p65'
3 non-polymer 4-[(3~{R})-3-methoxypiperidin-1-yl]sulfonylbenzaldehyde
4 water water
#
loop_
_entity_poly.entity_id
_entity_poly.type
_entity_poly.pdbx_seq_one_letter_code
_entity_poly.pdbx_strand_id
1 'polypeptide(L)'
;GAMGSMERASLIQKAKLAEQAERYEDMAAFMKGAVEKGEELS(CSO)EERNLLSVAYKNVVGGQRAAWRVLSSIEQKSNE
EGSEEKGPEVREYREKVETELQGVCDTVLGLLDSHLIKEAGDAESRVFYLKMKGDYYRYLAEVATGDDKKRIIDSARSAY
QEAMDISKKEMPPTNPIRLGLALNFSVFHYEIANSPEEAISLAKTTFDEAMADLHTLSEDSYKDSTLIMQLLRDNLTLWT
;
A
2 'polypeptide(L)' EGRSAG(SEP)IPGRRS P
#
# COMPACT_ATOMS: atom_id res chain seq x y z
N MET A 3 6.79 13.67 17.54
CA MET A 3 8.22 13.79 17.27
C MET A 3 8.47 15.25 17.00
N GLY A 4 7.63 16.11 17.57
CA GLY A 4 7.66 17.52 17.25
C GLY A 4 8.97 18.22 17.55
N SER A 5 9.74 17.72 18.53
N SER A 5 9.73 17.71 18.52
CA SER A 5 10.99 18.39 18.86
CA SER A 5 10.99 18.35 18.89
C SER A 5 12.18 17.90 18.06
C SER A 5 12.17 17.91 18.04
N MET A 6 12.03 16.89 17.19
CA MET A 6 13.16 16.41 16.43
C MET A 6 13.15 17.03 15.04
N GLU A 7 14.34 17.42 14.58
CA GLU A 7 14.46 18.00 13.23
C GLU A 7 13.95 17.04 12.15
N ARG A 8 13.36 17.60 11.10
CA ARG A 8 12.93 16.78 9.97
C ARG A 8 14.07 15.91 9.46
N ALA A 9 15.26 16.48 9.24
CA ALA A 9 16.32 15.70 8.64
C ALA A 9 16.76 14.55 9.54
N SER A 10 16.71 14.79 10.85
CA SER A 10 17.04 13.73 11.83
C SER A 10 16.00 12.62 11.83
N LEU A 11 14.71 12.97 11.66
CA LEU A 11 13.69 11.93 11.55
C LEU A 11 13.93 11.07 10.33
N ILE A 12 14.23 11.71 9.19
N ILE A 12 14.36 11.67 9.23
CA ILE A 12 14.52 10.96 7.96
CA ILE A 12 14.53 10.88 8.01
C ILE A 12 15.72 10.06 8.18
C ILE A 12 15.76 9.99 8.11
N GLN A 13 16.80 10.61 8.77
N GLN A 13 16.86 10.51 8.67
CA GLN A 13 18.00 9.82 9.01
CA GLN A 13 18.02 9.63 8.89
C GLN A 13 17.70 8.59 9.87
C GLN A 13 17.70 8.50 9.87
N LYS A 14 16.95 8.80 10.94
CA LYS A 14 16.57 7.73 11.87
C LYS A 14 15.64 6.73 11.23
N ALA A 15 14.76 7.17 10.32
CA ALA A 15 13.93 6.18 9.62
C ALA A 15 14.79 5.25 8.79
N LYS A 16 15.86 5.78 8.17
CA LYS A 16 16.73 4.91 7.39
C LYS A 16 17.49 3.94 8.28
N LEU A 17 17.93 4.42 9.44
CA LEU A 17 18.59 3.51 10.41
C LEU A 17 17.62 2.46 10.92
N ALA A 18 16.37 2.87 11.22
CA ALA A 18 15.39 1.90 11.70
C ALA A 18 15.12 0.82 10.65
N GLU A 19 15.07 1.19 9.36
CA GLU A 19 14.93 0.16 8.34
C GLU A 19 16.09 -0.83 8.38
N GLN A 20 17.33 -0.34 8.47
CA GLN A 20 18.49 -1.22 8.53
C GLN A 20 18.43 -2.14 9.74
N ALA A 21 17.90 -1.63 10.86
CA ALA A 21 17.78 -2.41 12.09
C ALA A 21 16.52 -3.26 12.13
N GLU A 22 15.70 -3.20 11.07
CA GLU A 22 14.43 -3.93 11.00
C GLU A 22 13.50 -3.55 12.16
N ARG A 23 13.50 -2.27 12.50
CA ARG A 23 12.66 -1.72 13.54
C ARG A 23 11.57 -0.91 12.83
N TYR A 24 10.58 -1.62 12.29
CA TYR A 24 9.63 -0.95 11.42
C TYR A 24 8.62 -0.09 12.15
N GLU A 25 8.24 -0.44 13.37
CA GLU A 25 7.39 0.46 14.14
C GLU A 25 8.10 1.77 14.40
N ASP A 26 9.38 1.74 14.78
CA ASP A 26 10.12 3.00 14.92
C ASP A 26 10.19 3.73 13.60
N MET A 27 10.45 3.00 12.51
CA MET A 27 10.57 3.64 11.20
C MET A 27 9.28 4.36 10.85
N ALA A 28 8.13 3.76 11.13
CA ALA A 28 6.87 4.40 10.82
C ALA A 28 6.66 5.62 11.70
N ALA A 29 7.03 5.55 12.99
CA ALA A 29 6.87 6.71 13.84
C ALA A 29 7.77 7.86 13.39
N PHE A 30 9.01 7.58 12.98
CA PHE A 30 9.88 8.64 12.45
C PHE A 30 9.30 9.25 11.21
N MET A 31 8.76 8.42 10.28
CA MET A 31 8.23 9.00 9.06
C MET A 31 6.92 9.73 9.31
N LYS A 32 6.07 9.29 10.24
CA LYS A 32 4.91 10.09 10.64
C LYS A 32 5.35 11.45 11.13
N GLY A 33 6.36 11.48 12.01
CA GLY A 33 6.90 12.75 12.47
C GLY A 33 7.38 13.60 11.31
N ALA A 34 8.06 12.99 10.35
CA ALA A 34 8.54 13.78 9.21
C ALA A 34 7.38 14.34 8.39
N VAL A 35 6.33 13.55 8.13
CA VAL A 35 5.18 14.08 7.39
C VAL A 35 4.57 15.25 8.14
N GLU A 36 4.46 15.12 9.46
CA GLU A 36 3.79 16.14 10.25
C GLU A 36 4.59 17.44 10.34
N LYS A 37 5.82 17.48 9.86
CA LYS A 37 6.49 18.76 9.71
C LYS A 37 5.81 19.66 8.69
N GLY A 38 5.01 19.10 7.79
CA GLY A 38 4.20 19.89 6.89
C GLY A 38 4.79 20.10 5.52
N GLU A 39 6.05 19.76 5.30
N GLU A 39 6.04 19.69 5.28
CA GLU A 39 6.59 19.90 3.96
CA GLU A 39 6.67 19.85 4.00
C GLU A 39 6.19 18.70 3.11
C GLU A 39 6.33 18.65 3.11
N GLU A 40 6.20 18.89 1.81
CA GLU A 40 6.04 17.77 0.88
C GLU A 40 7.23 16.79 1.01
N LEU A 41 7.04 15.54 0.56
CA LEU A 41 8.05 14.48 0.65
C LEU A 41 8.69 14.27 -0.72
N SER A 42 9.99 14.04 -0.73
CA SER A 42 10.67 13.65 -1.94
C SER A 42 10.31 12.20 -2.34
N GLU A 44 12.29 9.60 -2.43
CA GLU A 44 12.92 8.69 -1.50
C GLU A 44 12.15 8.71 -0.16
N GLU A 45 11.73 9.90 0.26
CA GLU A 45 11.00 9.99 1.53
C GLU A 45 9.63 9.31 1.44
N ARG A 46 8.96 9.42 0.30
CA ARG A 46 7.68 8.73 0.11
C ARG A 46 7.87 7.25 0.22
N ASN A 47 8.96 6.74 -0.35
CA ASN A 47 9.22 5.31 -0.26
C ASN A 47 9.51 4.91 1.17
N LEU A 48 10.25 5.73 1.96
CA LEU A 48 10.44 5.36 3.35
C LEU A 48 9.13 5.30 4.10
N LEU A 49 8.24 6.25 3.90
CA LEU A 49 6.93 6.23 4.54
C LEU A 49 6.18 4.95 4.18
N SER A 50 6.13 4.62 2.87
CA SER A 50 5.39 3.46 2.45
C SER A 50 6.00 2.17 2.94
N VAL A 51 7.32 2.03 2.90
CA VAL A 51 7.96 0.80 3.38
C VAL A 51 7.67 0.62 4.86
N ALA A 52 7.74 1.69 5.64
CA ALA A 52 7.55 1.56 7.08
C ALA A 52 6.17 1.02 7.39
N TYR A 53 5.14 1.67 6.86
CA TYR A 53 3.79 1.26 7.15
C TYR A 53 3.44 -0.07 6.51
N LYS A 54 4.00 -0.41 5.35
CA LYS A 54 3.63 -1.66 4.74
C LYS A 54 4.15 -2.79 5.62
N ASN A 55 5.34 -2.63 6.22
CA ASN A 55 5.88 -3.66 7.09
C ASN A 55 5.07 -3.74 8.38
N VAL A 56 4.68 -2.61 8.96
CA VAL A 56 3.90 -2.67 10.20
C VAL A 56 2.58 -3.34 9.95
N VAL A 57 1.82 -2.87 8.96
N VAL A 57 1.79 -2.84 8.99
CA VAL A 57 0.51 -3.43 8.73
CA VAL A 57 0.49 -3.45 8.74
C VAL A 57 0.62 -4.83 8.16
C VAL A 57 0.66 -4.86 8.22
N GLY A 58 1.72 -5.16 7.46
CA GLY A 58 1.88 -6.51 6.96
C GLY A 58 2.01 -7.52 8.08
N GLY A 59 2.71 -7.16 9.16
CA GLY A 59 2.80 -8.07 10.30
C GLY A 59 1.46 -8.18 11.00
N GLN A 60 0.72 -7.08 11.10
CA GLN A 60 -0.59 -7.15 11.73
C GLN A 60 -1.55 -8.02 10.91
N ARG A 61 -1.52 -7.89 9.60
CA ARG A 61 -2.40 -8.68 8.75
C ARG A 61 -2.06 -10.15 8.88
N ALA A 62 -0.78 -10.49 8.88
CA ALA A 62 -0.41 -11.90 9.01
C ALA A 62 -0.89 -12.44 10.34
N ALA A 63 -0.78 -11.66 11.42
CA ALA A 63 -1.27 -12.13 12.72
C ALA A 63 -2.78 -12.25 12.73
N TRP A 64 -3.49 -11.28 12.16
CA TRP A 64 -4.94 -11.34 12.08
C TRP A 64 -5.38 -12.57 11.31
N ARG A 65 -4.68 -12.93 10.24
CA ARG A 65 -5.09 -14.13 9.49
C ARG A 65 -4.87 -15.39 10.30
N VAL A 66 -3.78 -15.48 11.06
CA VAL A 66 -3.58 -16.65 11.92
C VAL A 66 -4.71 -16.77 12.93
N LEU A 67 -5.02 -15.67 13.60
CA LEU A 67 -6.04 -15.67 14.62
C LEU A 67 -7.41 -15.94 14.03
N SER A 68 -7.73 -15.32 12.88
CA SER A 68 -9.05 -15.53 12.26
C SER A 68 -9.21 -16.99 11.86
N SER A 69 -8.14 -17.61 11.42
CA SER A 69 -8.21 -19.04 11.07
C SER A 69 -8.48 -19.89 12.30
N ILE A 70 -7.82 -19.59 13.42
CA ILE A 70 -8.06 -20.36 14.66
C ILE A 70 -9.49 -20.16 15.12
N GLU A 71 -9.96 -18.92 15.05
CA GLU A 71 -11.31 -18.59 15.47
C GLU A 71 -12.35 -19.32 14.62
N GLN A 72 -12.14 -19.36 13.29
CA GLN A 72 -13.09 -20.04 12.42
C GLN A 72 -13.12 -21.53 12.70
N LYS A 73 -11.97 -22.14 12.98
CA LYS A 73 -11.94 -23.56 13.33
C LYS A 73 -12.71 -23.84 14.60
N SER A 74 -12.53 -23.00 15.63
CA SER A 74 -13.24 -23.16 16.89
C SER A 74 -14.74 -22.95 16.78
N ASN A 75 -15.22 -22.39 15.68
CA ASN A 75 -16.66 -22.17 15.48
C ASN A 75 -17.28 -23.22 14.56
N GLY A 83 -13.86 -20.70 24.91
CA GLY A 83 -14.14 -19.44 25.58
C GLY A 83 -13.99 -18.24 24.66
N PRO A 84 -14.09 -17.04 25.24
CA PRO A 84 -14.02 -15.81 24.44
C PRO A 84 -12.61 -15.40 23.98
N GLU A 85 -11.55 -16.11 24.36
CA GLU A 85 -10.18 -15.60 24.24
C GLU A 85 -9.74 -15.44 22.79
N VAL A 86 -10.02 -16.41 21.92
CA VAL A 86 -9.52 -16.26 20.54
C VAL A 86 -10.19 -15.07 19.87
N ARG A 87 -11.50 -14.94 20.02
CA ARG A 87 -12.19 -13.78 19.45
C ARG A 87 -11.69 -12.49 20.09
N GLU A 88 -11.54 -12.45 21.41
CA GLU A 88 -11.06 -11.24 22.05
C GLU A 88 -9.70 -10.82 21.50
N TYR A 89 -8.81 -11.78 21.34
CA TYR A 89 -7.45 -11.44 20.90
C TYR A 89 -7.43 -11.10 19.41
N ARG A 90 -8.22 -11.80 18.58
CA ARG A 90 -8.36 -11.38 17.19
C ARG A 90 -8.90 -9.97 17.12
N GLU A 91 -9.87 -9.62 17.98
CA GLU A 91 -10.41 -8.27 18.00
C GLU A 91 -9.37 -7.25 18.41
N LYS A 92 -8.52 -7.60 19.38
N LYS A 92 -8.49 -7.59 19.35
CA LYS A 92 -7.45 -6.69 19.78
CA LYS A 92 -7.46 -6.62 19.76
C LYS A 92 -6.57 -6.38 18.58
C LYS A 92 -6.44 -6.38 18.64
N VAL A 93 -6.08 -7.42 17.91
CA VAL A 93 -5.16 -7.24 16.78
C VAL A 93 -5.89 -6.48 15.67
N GLU A 94 -7.17 -6.76 15.46
CA GLU A 94 -7.93 -6.09 14.44
C GLU A 94 -8.02 -4.59 14.73
N THR A 95 -8.26 -4.22 15.98
CA THR A 95 -8.38 -2.82 16.32
C THR A 95 -7.06 -2.12 16.14
N GLU A 96 -5.94 -2.80 16.43
N GLU A 96 -5.96 -2.80 16.47
CA GLU A 96 -4.62 -2.16 16.28
CA GLU A 96 -4.65 -2.17 16.29
C GLU A 96 -4.25 -2.00 14.81
C GLU A 96 -4.38 -1.94 14.81
N LEU A 97 -4.65 -2.97 14.00
CA LEU A 97 -4.51 -2.85 12.53
C LEU A 97 -5.34 -1.69 12.00
N GLN A 98 -6.59 -1.59 12.42
CA GLN A 98 -7.44 -0.51 11.97
C GLN A 98 -6.86 0.82 12.36
N GLY A 99 -6.28 0.92 13.56
CA GLY A 99 -5.71 2.17 13.99
C GLY A 99 -4.52 2.58 13.14
N VAL A 100 -3.67 1.62 12.76
CA VAL A 100 -2.55 1.95 11.87
C VAL A 100 -3.07 2.40 10.50
N CYS A 101 -4.07 1.71 9.94
CA CYS A 101 -4.60 2.13 8.67
C CYS A 101 -5.19 3.51 8.76
N ASP A 102 -5.92 3.82 9.82
CA ASP A 102 -6.49 5.15 9.99
C ASP A 102 -5.40 6.19 10.14
N THR A 103 -4.30 5.85 10.79
CA THR A 103 -3.20 6.83 10.90
C THR A 103 -2.63 7.17 9.54
N VAL A 104 -2.37 6.15 8.73
CA VAL A 104 -1.82 6.40 7.39
C VAL A 104 -2.80 7.19 6.55
N LEU A 105 -4.09 6.78 6.58
CA LEU A 105 -5.09 7.51 5.81
C LEU A 105 -5.18 8.96 6.28
N GLY A 106 -5.00 9.18 7.59
CA GLY A 106 -5.03 10.55 8.08
C GLY A 106 -3.86 11.38 7.61
N LEU A 107 -2.68 10.78 7.50
CA LEU A 107 -1.54 11.51 6.94
C LEU A 107 -1.80 11.86 5.48
N LEU A 108 -2.38 10.92 4.73
CA LEU A 108 -2.66 11.21 3.34
C LEU A 108 -3.69 12.32 3.20
N ASP A 109 -4.68 12.35 4.09
N ASP A 109 -4.71 12.35 4.07
CA ASP A 109 -5.72 13.36 4.03
CA ASP A 109 -5.74 13.38 4.00
C ASP A 109 -5.27 14.70 4.60
C ASP A 109 -5.39 14.66 4.74
N SER A 110 -4.27 14.69 5.48
CA SER A 110 -3.83 15.90 6.21
C SER A 110 -2.32 15.95 6.23
N HIS A 111 -1.67 16.35 5.12
CA HIS A 111 -2.26 16.94 3.92
C HIS A 111 -1.53 16.48 2.67
N LEU A 112 -1.06 15.22 2.65
CA LEU A 112 -0.15 14.82 1.58
C LEU A 112 -0.81 14.85 0.20
N ILE A 113 -2.03 14.30 0.07
CA ILE A 113 -2.65 14.25 -1.24
C ILE A 113 -2.94 15.65 -1.77
N LYS A 114 -3.52 16.50 -0.97
CA LYS A 114 -3.94 17.78 -1.51
C LYS A 114 -2.75 18.63 -1.94
N GLU A 115 -1.56 18.41 -1.37
CA GLU A 115 -0.42 19.18 -1.80
C GLU A 115 0.33 18.54 -2.95
N ALA A 116 -0.06 17.32 -3.35
CA ALA A 116 0.68 16.56 -4.38
C ALA A 116 0.14 16.90 -5.77
N GLY A 117 0.93 17.60 -6.56
CA GLY A 117 0.52 18.09 -7.86
C GLY A 117 1.21 17.34 -8.98
N ASP A 118 2.39 16.84 -8.73
CA ASP A 118 3.00 16.11 -9.80
C ASP A 118 2.39 14.73 -9.87
N ALA A 119 2.33 14.18 -11.07
CA ALA A 119 1.71 12.87 -11.20
C ALA A 119 2.39 11.81 -10.35
N GLU A 120 3.71 11.85 -10.26
CA GLU A 120 4.42 10.79 -9.53
C GLU A 120 4.02 10.82 -8.07
N SER A 121 3.91 12.00 -7.49
CA SER A 121 3.53 12.02 -6.08
C SER A 121 2.06 11.72 -5.89
N ARG A 122 1.18 12.29 -6.71
CA ARG A 122 -0.25 12.11 -6.50
C ARG A 122 -0.66 10.67 -6.73
N VAL A 123 -0.13 10.03 -7.79
CA VAL A 123 -0.43 8.62 -7.99
C VAL A 123 0.09 7.78 -6.83
N PHE A 124 1.32 8.05 -6.35
CA PHE A 124 1.86 7.26 -5.24
C PHE A 124 0.92 7.35 -4.04
N TYR A 125 0.49 8.56 -3.66
CA TYR A 125 -0.35 8.68 -2.48
C TYR A 125 -1.74 8.10 -2.66
N LEU A 126 -2.32 8.20 -3.86
CA LEU A 126 -3.61 7.61 -4.08
C LEU A 126 -3.55 6.09 -4.10
N LYS A 127 -2.46 5.52 -4.61
CA LYS A 127 -2.26 4.07 -4.47
C LYS A 127 -2.18 3.69 -3.00
N MET A 128 -1.41 4.45 -2.19
CA MET A 128 -1.40 4.15 -0.73
C MET A 128 -2.81 4.21 -0.16
N LYS A 129 -3.59 5.23 -0.55
CA LYS A 129 -4.93 5.37 0.01
C LYS A 129 -5.77 4.14 -0.37
N GLY A 130 -5.67 3.68 -1.62
CA GLY A 130 -6.38 2.45 -2.00
C GLY A 130 -5.91 1.24 -1.20
N ASP A 131 -4.62 1.10 -1.01
CA ASP A 131 -4.06 -0.03 -0.25
C ASP A 131 -4.57 -0.04 1.18
N TYR A 132 -4.56 1.11 1.87
CA TYR A 132 -4.95 1.07 3.29
C TYR A 132 -6.44 0.93 3.45
N TYR A 133 -7.26 1.45 2.53
CA TYR A 133 -8.68 1.07 2.58
C TYR A 133 -8.86 -0.41 2.24
N ARG A 134 -8.03 -0.98 1.35
CA ARG A 134 -8.12 -2.40 1.09
C ARG A 134 -7.81 -3.21 2.34
N TYR A 135 -6.79 -2.82 3.11
CA TYR A 135 -6.51 -3.54 4.35
C TYR A 135 -7.67 -3.38 5.33
N LEU A 136 -8.27 -2.18 5.43
CA LEU A 136 -9.49 -2.08 6.25
C LEU A 136 -10.57 -3.04 5.74
N ALA A 137 -10.73 -3.16 4.42
CA ALA A 137 -11.81 -4.00 3.86
C ALA A 137 -11.56 -5.45 4.20
N GLU A 138 -10.31 -5.90 4.27
CA GLU A 138 -10.02 -7.30 4.57
C GLU A 138 -10.61 -7.73 5.91
N VAL A 139 -10.75 -6.81 6.88
CA VAL A 139 -11.24 -7.15 8.22
C VAL A 139 -12.64 -6.66 8.45
N ALA A 140 -13.22 -5.99 7.47
CA ALA A 140 -14.54 -5.40 7.67
C ALA A 140 -15.63 -6.42 7.38
N THR A 141 -16.79 -6.21 7.98
CA THR A 141 -17.96 -7.02 7.64
C THR A 141 -19.13 -6.15 7.16
N GLY A 142 -20.05 -6.79 6.42
CA GLY A 142 -21.37 -6.20 6.20
C GLY A 142 -21.34 -4.90 5.41
N ASP A 143 -22.15 -3.93 5.87
CA ASP A 143 -22.31 -2.67 5.15
C ASP A 143 -21.11 -1.73 5.34
N ASP A 144 -20.52 -1.71 6.54
CA ASP A 144 -19.22 -1.07 6.68
C ASP A 144 -18.28 -1.53 5.58
N LYS A 145 -18.29 -2.83 5.29
CA LYS A 145 -17.43 -3.33 4.25
C LYS A 145 -17.74 -2.63 2.94
N LYS A 146 -19.02 -2.39 2.64
CA LYS A 146 -19.36 -1.80 1.34
C LYS A 146 -18.75 -0.43 1.18
N ARG A 147 -18.89 0.45 2.18
CA ARG A 147 -18.41 1.80 1.97
C ARG A 147 -16.87 1.81 1.94
N ILE A 148 -16.24 0.94 2.74
CA ILE A 148 -14.79 0.86 2.76
C ILE A 148 -14.29 0.37 1.40
N ILE A 149 -14.95 -0.64 0.82
CA ILE A 149 -14.59 -1.14 -0.48
C ILE A 149 -14.71 -0.04 -1.51
N ASP A 150 -15.77 0.76 -1.43
CA ASP A 150 -15.90 1.80 -2.43
C ASP A 150 -14.82 2.87 -2.27
N SER A 151 -14.41 3.15 -1.03
CA SER A 151 -13.35 4.12 -0.84
C SER A 151 -12.04 3.62 -1.43
N ALA A 152 -11.75 2.30 -1.29
CA ALA A 152 -10.53 1.76 -1.92
C ALA A 152 -10.63 1.90 -3.42
N ARG A 153 -11.78 1.48 -3.96
N ARG A 153 -11.79 1.49 -3.97
CA ARG A 153 -11.98 1.51 -5.41
CA ARG A 153 -11.95 1.50 -5.42
C ARG A 153 -11.79 2.92 -5.96
C ARG A 153 -11.80 2.92 -5.97
N SER A 154 -12.39 3.90 -5.30
CA SER A 154 -12.33 5.26 -5.78
C SER A 154 -10.89 5.78 -5.81
N ALA A 155 -10.13 5.50 -4.74
CA ALA A 155 -8.74 5.95 -4.69
C ALA A 155 -7.90 5.30 -5.82
N TYR A 156 -8.05 3.97 -5.94
CA TYR A 156 -7.32 3.28 -7.01
C TYR A 156 -7.72 3.78 -8.39
N GLN A 157 -9.01 4.06 -8.59
CA GLN A 157 -9.46 4.50 -9.91
C GLN A 157 -8.91 5.87 -10.23
N GLU A 158 -8.91 6.80 -9.29
CA GLU A 158 -8.31 8.10 -9.58
C GLU A 158 -6.84 7.97 -9.90
N ALA A 159 -6.11 7.14 -9.14
CA ALA A 159 -4.69 6.91 -9.42
C ALA A 159 -4.50 6.32 -10.80
N MET A 160 -5.39 5.39 -11.19
CA MET A 160 -5.26 4.75 -12.51
C MET A 160 -5.48 5.79 -13.59
N ASP A 161 -6.52 6.64 -13.42
CA ASP A 161 -6.81 7.62 -14.47
C ASP A 161 -5.61 8.56 -14.65
N ILE A 162 -4.99 9.02 -13.56
CA ILE A 162 -3.85 9.91 -13.71
C ILE A 162 -2.69 9.15 -14.33
N SER A 163 -2.45 7.91 -13.87
CA SER A 163 -1.28 7.16 -14.34
C SER A 163 -1.35 6.91 -15.84
N LYS A 164 -2.55 6.65 -16.35
CA LYS A 164 -2.66 6.33 -17.77
C LYS A 164 -2.48 7.57 -18.61
N LYS A 165 -2.81 8.76 -18.08
CA LYS A 165 -2.58 10.00 -18.82
C LYS A 165 -1.15 10.50 -18.72
N GLU A 166 -0.48 10.29 -17.58
CA GLU A 166 0.75 11.01 -17.27
C GLU A 166 2.00 10.15 -17.20
N MET A 167 1.87 8.82 -17.15
CA MET A 167 3.06 7.99 -17.02
C MET A 167 3.13 6.96 -18.12
N PRO A 168 4.34 6.53 -18.50
CA PRO A 168 4.46 5.46 -19.50
C PRO A 168 4.02 4.14 -18.90
N PRO A 169 3.65 3.18 -19.74
CA PRO A 169 3.12 1.94 -19.23
C PRO A 169 4.12 1.11 -18.50
N THR A 170 5.43 1.41 -18.57
CA THR A 170 6.43 0.69 -17.78
C THR A 170 6.77 1.37 -16.48
N ASN A 171 6.18 2.53 -16.18
CA ASN A 171 6.61 3.22 -14.96
C ASN A 171 6.33 2.31 -13.74
N PRO A 172 7.30 2.11 -12.85
CA PRO A 172 7.10 1.17 -11.75
C PRO A 172 5.91 1.50 -10.84
N ILE A 173 5.64 2.78 -10.58
CA ILE A 173 4.48 3.10 -9.75
C ILE A 173 3.20 2.76 -10.49
N ARG A 174 3.12 3.08 -11.77
CA ARG A 174 1.96 2.70 -12.59
C ARG A 174 1.77 1.19 -12.59
N LEU A 175 2.86 0.43 -12.70
CA LEU A 175 2.77 -1.02 -12.68
C LEU A 175 2.32 -1.55 -11.33
N GLY A 176 2.90 -1.02 -10.25
CA GLY A 176 2.52 -1.52 -8.92
C GLY A 176 1.11 -1.13 -8.54
N LEU A 177 0.68 0.06 -8.97
CA LEU A 177 -0.74 0.43 -8.82
C LEU A 177 -1.64 -0.58 -9.50
N ALA A 178 -1.35 -0.91 -10.76
CA ALA A 178 -2.21 -1.86 -11.48
C ALA A 178 -2.17 -3.22 -10.85
N LEU A 179 -0.99 -3.66 -10.39
CA LEU A 179 -0.91 -4.94 -9.69
C LEU A 179 -1.82 -4.92 -8.48
N ASN A 180 -1.71 -3.87 -7.64
CA ASN A 180 -2.48 -3.88 -6.38
C ASN A 180 -3.96 -3.69 -6.64
N PHE A 181 -4.34 -2.92 -7.68
CA PHE A 181 -5.76 -2.79 -8.02
C PHE A 181 -6.30 -4.10 -8.54
N SER A 182 -5.47 -4.88 -9.27
CA SER A 182 -5.93 -6.19 -9.70
C SER A 182 -6.15 -7.10 -8.51
N VAL A 183 -5.27 -7.04 -7.50
CA VAL A 183 -5.50 -7.83 -6.27
C VAL A 183 -6.77 -7.40 -5.57
N PHE A 184 -7.01 -6.09 -5.48
CA PHE A 184 -8.28 -5.60 -4.96
C PHE A 184 -9.46 -6.23 -5.71
N HIS A 185 -9.43 -6.25 -7.07
CA HIS A 185 -10.56 -6.82 -7.78
C HIS A 185 -10.73 -8.28 -7.46
N TYR A 186 -9.62 -9.03 -7.37
CA TYR A 186 -9.70 -10.47 -7.19
C TYR A 186 -10.11 -10.81 -5.77
N GLU A 187 -9.49 -10.17 -4.80
CA GLU A 187 -9.61 -10.62 -3.40
C GLU A 187 -10.68 -9.89 -2.63
N ILE A 188 -11.01 -8.67 -2.98
CA ILE A 188 -11.93 -7.84 -2.20
C ILE A 188 -13.26 -7.66 -2.91
N ALA A 189 -13.22 -7.29 -4.22
CA ALA A 189 -14.42 -6.92 -4.94
C ALA A 189 -15.10 -8.10 -5.60
N ASN A 190 -14.59 -9.31 -5.45
CA ASN A 190 -15.21 -10.49 -6.06
C ASN A 190 -15.35 -10.32 -7.57
N SER A 191 -14.31 -9.76 -8.19
CA SER A 191 -14.31 -9.49 -9.64
C SER A 191 -13.09 -10.12 -10.25
N PRO A 192 -12.96 -11.46 -10.20
CA PRO A 192 -11.75 -12.10 -10.76
C PRO A 192 -11.56 -11.80 -12.24
N GLU A 193 -12.61 -11.70 -13.03
CA GLU A 193 -12.38 -11.44 -14.44
C GLU A 193 -11.82 -10.04 -14.65
N GLU A 194 -12.24 -9.03 -13.88
CA GLU A 194 -11.67 -7.70 -13.97
C GLU A 194 -10.20 -7.72 -13.53
N ALA A 195 -9.89 -8.52 -12.51
CA ALA A 195 -8.49 -8.66 -12.06
C ALA A 195 -7.61 -9.24 -13.14
N ILE A 196 -8.07 -10.31 -13.81
CA ILE A 196 -7.29 -10.95 -14.85
C ILE A 196 -7.15 -10.01 -16.04
N SER A 197 -8.21 -9.31 -16.44
CA SER A 197 -8.14 -8.42 -17.57
C SER A 197 -7.15 -7.28 -17.28
N LEU A 198 -7.22 -6.70 -16.07
CA LEU A 198 -6.31 -5.61 -15.76
C LEU A 198 -4.88 -6.10 -15.73
N ALA A 199 -4.62 -7.24 -15.14
CA ALA A 199 -3.23 -7.70 -15.09
C ALA A 199 -2.70 -8.02 -16.49
N LYS A 200 -3.52 -8.64 -17.35
CA LYS A 200 -3.06 -8.97 -18.71
C LYS A 200 -2.81 -7.72 -19.53
N THR A 201 -3.73 -6.77 -19.53
CA THR A 201 -3.54 -5.55 -20.29
C THR A 201 -2.32 -4.78 -19.79
N THR A 202 -2.16 -4.70 -18.48
CA THR A 202 -1.01 -4.00 -17.93
C THR A 202 0.28 -4.67 -18.35
N PHE A 203 0.32 -5.99 -18.29
CA PHE A 203 1.54 -6.70 -18.66
C PHE A 203 1.85 -6.47 -20.13
N ASP A 204 0.85 -6.58 -21.00
CA ASP A 204 1.08 -6.50 -22.43
C ASP A 204 1.50 -5.08 -22.83
N GLU A 205 0.91 -4.07 -22.23
CA GLU A 205 1.23 -2.73 -22.63
C GLU A 205 2.63 -2.37 -22.09
N ALA A 206 3.05 -2.94 -20.96
CA ALA A 206 4.42 -2.74 -20.51
C ALA A 206 5.42 -3.44 -21.42
N MET A 207 5.13 -4.69 -21.79
CA MET A 207 6.03 -5.40 -22.68
C MET A 207 6.34 -4.60 -23.92
N ALA A 208 5.33 -4.01 -24.51
CA ALA A 208 5.49 -3.24 -25.74
C ALA A 208 6.24 -1.95 -25.57
N ASP A 209 6.49 -1.50 -24.34
CA ASP A 209 7.24 -0.27 -24.09
C ASP A 209 8.63 -0.55 -23.51
N LEU A 210 9.00 -1.82 -23.27
CA LEU A 210 10.32 -2.12 -22.72
C LEU A 210 11.46 -1.63 -23.60
N HIS A 211 11.26 -1.59 -24.92
CA HIS A 211 12.33 -1.22 -25.84
C HIS A 211 12.84 0.20 -25.58
N THR A 212 12.06 1.03 -24.89
CA THR A 212 12.42 2.42 -24.65
C THR A 212 13.32 2.59 -23.45
N LEU A 213 13.56 1.57 -22.66
CA LEU A 213 14.16 1.64 -21.36
C LEU A 213 15.66 1.36 -21.38
N SER A 214 16.37 1.98 -20.44
CA SER A 214 17.74 1.61 -20.07
C SER A 214 17.78 0.25 -19.39
N GLU A 215 18.99 -0.30 -19.24
CA GLU A 215 19.15 -1.57 -18.55
C GLU A 215 18.58 -1.53 -17.14
N ASP A 216 18.82 -0.44 -16.40
CA ASP A 216 18.37 -0.42 -15.02
C ASP A 216 16.85 -0.24 -14.92
N SER A 217 16.28 0.59 -15.79
CA SER A 217 14.82 0.75 -15.81
C SER A 217 14.14 -0.53 -16.29
N TYR A 218 14.74 -1.21 -17.26
CA TYR A 218 14.25 -2.51 -17.70
C TYR A 218 14.15 -3.47 -16.54
N LYS A 219 15.18 -3.50 -15.68
CA LYS A 219 15.15 -4.40 -14.55
C LYS A 219 14.02 -4.04 -13.59
N ASP A 220 13.83 -2.74 -13.34
CA ASP A 220 12.78 -2.31 -12.41
C ASP A 220 11.41 -2.72 -12.95
N SER A 221 11.16 -2.46 -14.24
CA SER A 221 9.84 -2.76 -14.80
C SER A 221 9.58 -4.25 -14.94
N THR A 222 10.58 -5.02 -15.42
CA THR A 222 10.36 -6.43 -15.58
C THR A 222 10.15 -7.14 -14.25
N LEU A 223 10.72 -6.61 -13.15
CA LEU A 223 10.49 -7.25 -11.87
C LEU A 223 9.00 -7.21 -11.52
N ILE A 224 8.36 -6.07 -11.72
CA ILE A 224 6.93 -5.97 -11.40
C ILE A 224 6.10 -6.74 -12.40
N MET A 225 6.51 -6.73 -13.68
CA MET A 225 5.78 -7.52 -14.66
C MET A 225 5.72 -8.99 -14.25
N GLN A 226 6.82 -9.50 -13.67
CA GLN A 226 6.82 -10.89 -13.25
C GLN A 226 5.81 -11.13 -12.17
N LEU A 227 5.63 -10.17 -11.26
CA LEU A 227 4.57 -10.30 -10.25
C LEU A 227 3.17 -10.35 -10.89
N LEU A 228 2.93 -9.52 -11.93
CA LEU A 228 1.66 -9.61 -12.65
C LEU A 228 1.50 -10.99 -13.25
N ARG A 229 2.56 -11.49 -13.89
CA ARG A 229 2.53 -12.84 -14.47
C ARG A 229 2.29 -13.90 -13.40
N ASP A 230 2.91 -13.77 -12.23
CA ASP A 230 2.73 -14.77 -11.19
C ASP A 230 1.27 -14.83 -10.76
N ASN A 231 0.61 -13.67 -10.67
CA ASN A 231 -0.81 -13.68 -10.32
C ASN A 231 -1.62 -14.29 -11.44
N LEU A 232 -1.33 -13.92 -12.69
CA LEU A 232 -2.10 -14.50 -13.78
C LEU A 232 -1.98 -16.02 -13.80
N THR A 233 -0.80 -16.55 -13.50
CA THR A 233 -0.62 -18.00 -13.43
C THR A 233 -1.46 -18.61 -12.32
N LEU A 234 -1.56 -17.93 -11.18
CA LEU A 234 -2.37 -18.47 -10.08
C LEU A 234 -3.87 -18.34 -10.36
N TRP A 235 -4.29 -17.36 -11.17
CA TRP A 235 -5.70 -17.08 -11.37
C TRP A 235 -6.28 -17.75 -12.62
N THR A 236 -5.42 -18.32 -13.47
CA THR A 236 -5.86 -18.87 -14.73
C THR A 236 -5.37 -20.31 -14.93
N ALA B 5 -2.58 -14.66 -4.35
CA ALA B 5 -2.32 -13.45 -5.15
C ALA B 5 -1.39 -12.50 -4.41
N GLY B 6 -0.29 -12.10 -5.04
CA GLY B 6 0.62 -11.19 -4.41
C GLY B 6 0.43 -9.75 -4.81
N ILE B 8 2.27 -5.80 -4.32
CA ILE B 8 3.66 -5.32 -4.27
C ILE B 8 4.14 -5.73 -2.87
N PRO B 9 5.25 -6.48 -2.72
CA PRO B 9 5.71 -6.72 -1.35
C PRO B 9 5.98 -5.41 -0.63
N GLY B 10 6.77 -4.52 -1.25
CA GLY B 10 6.82 -3.15 -0.79
C GLY B 10 7.41 -2.98 0.57
N ARG B 11 8.19 -3.96 1.04
CA ARG B 11 8.65 -3.93 2.42
C ARG B 11 10.16 -3.64 2.53
N ARG B 12 10.84 -3.27 1.44
CA ARG B 12 12.27 -2.98 1.46
C ARG B 12 12.55 -1.75 0.61
N SER B 13 13.18 -0.72 1.20
CA SER B 13 13.36 0.58 0.58
C SER B 13 14.30 0.43 -0.64
#